data_5QCK
#
_entry.id   5QCK
#
_cell.length_a   79.490
_cell.length_b   79.490
_cell.length_c   106.600
_cell.angle_alpha   90.000
_cell.angle_beta   90.000
_cell.angle_gamma   120.000
#
_symmetry.space_group_name_H-M   'P 32 2 1'
#
loop_
_entity.id
_entity.type
_entity.pdbx_description
1 polymer 'Coagulation factor XI'
2 non-polymer '4-[[(2~{S},3~{R})-1-[(~{E})-3-[5-chloranyl-2-(1,2,3,4-tetrazol-1-yl)phenyl]prop-2-enoyl]-3-phenyl-pyrrolidin-2-yl]carbonylamino]benzoic acid'
3 non-polymer 'SULFATE ION'
4 non-polymer 1,2-ETHANEDIOL
5 water water
#
_entity_poly.entity_id   1
_entity_poly.type   'polypeptide(L)'
_entity_poly.pdbx_seq_one_letter_code
;IVGGTASVRGEWPWQVTLHTTSPTQRHLCGGSIIGNQWILTAAHCFYGVESPKILRVYSGILNQSEIKEDTSFFGVQEII
IHDQYKMAESGYDIALLKLETTVGYGDSQRPICLPSKGDRNVIYTDCWVTGWGYRKLRDKIQNTLQKAKIPLVTNEECQK
RYRGHKITHKMICAGYREGGKDACKGDSGGPLSCKHNEVWHLVGITSWGEGCAQRERPGVYTNVVEYVDWILEKTQAVHH
HHHH
;
_entity_poly.pdbx_strand_id   A
#
loop_
_chem_comp.id
_chem_comp.type
_chem_comp.name
_chem_comp.formula
BUV non-polymer '4-[[(2~{S},3~{R})-1-[(~{E})-3-[5-chloranyl-2-(1,2,3,4-tetrazol-1-yl)phenyl]prop-2-enoyl]-3-phenyl-pyrrolidin-2-yl]carbonylamino]benzoic acid' 'C28 H23 Cl N6 O4'
EDO non-polymer 1,2-ETHANEDIOL 'C2 H6 O2'
SO4 non-polymer 'SULFATE ION' 'O4 S -2'
#
# COMPACT_ATOMS: atom_id res chain seq x y z
N ILE A 1 -3.22 -2.02 -11.08
CA ILE A 1 -1.95 -1.59 -11.63
C ILE A 1 -2.10 -1.42 -13.13
N VAL A 2 -1.59 -0.30 -13.65
CA VAL A 2 -1.60 -0.03 -15.09
C VAL A 2 -0.22 -0.41 -15.60
N GLY A 3 -0.18 -1.12 -16.73
CA GLY A 3 1.05 -1.50 -17.41
C GLY A 3 1.99 -2.41 -16.63
N GLY A 4 1.40 -3.26 -15.83
CA GLY A 4 2.17 -4.19 -15.03
C GLY A 4 1.93 -5.60 -15.49
N THR A 5 2.74 -6.55 -15.01
CA THR A 5 2.63 -7.98 -15.33
C THR A 5 2.24 -8.76 -14.09
N ALA A 6 1.76 -9.99 -14.31
CA ALA A 6 1.40 -10.92 -13.26
C ALA A 6 2.62 -11.22 -12.40
N SER A 7 2.37 -11.26 -11.08
CA SER A 7 3.41 -11.62 -10.13
C SER A 7 3.51 -13.13 -10.10
N VAL A 8 4.63 -13.61 -9.63
CA VAL A 8 4.87 -15.02 -9.40
C VAL A 8 4.44 -15.25 -7.91
N ARG A 9 3.92 -16.44 -7.60
CA ARG A 9 3.54 -16.77 -6.22
C ARG A 9 4.72 -16.60 -5.26
N GLY A 10 4.47 -15.96 -4.11
CA GLY A 10 5.46 -15.66 -3.10
C GLY A 10 6.42 -14.54 -3.41
N GLU A 11 6.18 -13.79 -4.51
CA GLU A 11 7.09 -12.71 -4.91
C GLU A 11 7.01 -11.50 -3.95
N TRP A 12 5.81 -11.21 -3.42
CA TRP A 12 5.61 -10.06 -2.52
C TRP A 12 4.89 -10.56 -1.26
N PRO A 13 5.59 -11.38 -0.43
CA PRO A 13 4.91 -12.07 0.69
C PRO A 13 4.37 -11.16 1.79
N TRP A 14 4.77 -9.86 1.81
CA TRP A 14 4.19 -8.87 2.74
C TRP A 14 2.84 -8.31 2.21
N GLN A 15 2.54 -8.40 0.92
CA GLN A 15 1.28 -7.91 0.35
C GLN A 15 0.09 -8.69 0.81
N VAL A 16 -0.92 -7.98 1.28
CA VAL A 16 -2.21 -8.54 1.71
C VAL A 16 -3.33 -7.87 0.93
N THR A 17 -4.47 -8.50 0.90
CA THR A 17 -5.69 -7.98 0.33
C THR A 17 -6.63 -7.86 1.51
N LEU A 18 -7.10 -6.63 1.72
CA LEU A 18 -8.05 -6.28 2.76
C LEU A 18 -9.45 -6.29 2.13
N HIS A 19 -10.31 -7.16 2.63
CA HIS A 19 -11.69 -7.26 2.15
C HIS A 19 -12.64 -6.68 3.18
N THR A 20 -13.74 -6.17 2.69
CA THR A 20 -14.86 -5.69 3.51
C THR A 20 -15.97 -6.73 3.28
N THR A 21 -16.79 -7.00 4.30
CA THR A 21 -17.94 -7.92 4.42
C THR A 21 -19.28 -7.23 4.06
N SER A 22 -19.38 -5.90 4.29
CA SER A 22 -20.51 -5.00 4.12
C SER A 22 -20.44 -4.10 2.89
N PRO A 23 -21.47 -4.09 2.01
CA PRO A 23 -22.72 -4.90 2.06
C PRO A 23 -22.48 -6.36 1.67
N THR A 24 -21.54 -6.59 0.74
CA THR A 24 -21.14 -7.92 0.28
C THR A 24 -19.61 -7.98 0.36
N GLN A 25 -19.05 -9.21 0.39
CA GLN A 25 -17.61 -9.38 0.45
C GLN A 25 -16.95 -9.05 -0.84
N ARG A 26 -15.96 -8.19 -0.77
CA ARG A 26 -15.16 -7.74 -1.92
C ARG A 26 -13.84 -7.12 -1.38
N HIS A 27 -12.85 -7.08 -2.26
CA HIS A 27 -11.56 -6.43 -2.02
C HIS A 27 -11.82 -4.94 -1.79
N LEU A 28 -11.17 -4.38 -0.77
CA LEU A 28 -11.27 -2.98 -0.38
C LEU A 28 -9.99 -2.18 -0.70
N CYS A 29 -8.85 -2.72 -0.27
CA CYS A 29 -7.53 -2.10 -0.30
C CYS A 29 -6.42 -3.16 -0.23
N GLY A 30 -5.21 -2.70 -0.53
CA GLY A 30 -3.98 -3.45 -0.31
C GLY A 30 -3.47 -3.08 1.08
N GLY A 31 -2.41 -3.75 1.49
CA GLY A 31 -1.77 -3.51 2.77
C GLY A 31 -0.49 -4.30 2.81
N SER A 32 0.33 -4.05 3.82
CA SER A 32 1.61 -4.75 4.03
C SER A 32 1.75 -5.27 5.43
N ILE A 33 2.24 -6.49 5.55
CA ILE A 33 2.55 -7.09 6.86
C ILE A 33 3.86 -6.42 7.31
N ILE A 34 3.83 -5.80 8.49
CA ILE A 34 5.05 -5.16 9.03
C ILE A 34 5.48 -5.76 10.39
N GLY A 35 4.63 -6.61 10.96
CA GLY A 35 4.82 -7.23 12.26
C GLY A 35 3.86 -8.38 12.35
N ASN A 36 3.99 -9.24 13.37
CA ASN A 36 3.19 -10.46 13.39
C ASN A 36 1.72 -10.22 13.72
N GLN A 37 1.35 -9.01 14.13
CA GLN A 37 -0.07 -8.75 14.29
C GLN A 37 -0.41 -7.35 13.70
N TRP A 38 0.38 -6.90 12.72
CA TRP A 38 0.29 -5.56 12.17
C TRP A 38 0.32 -5.49 10.67
N ILE A 39 -0.66 -4.75 10.14
CA ILE A 39 -0.78 -4.41 8.72
C ILE A 39 -0.66 -2.93 8.61
N LEU A 40 0.17 -2.45 7.69
CA LEU A 40 0.26 -1.01 7.42
C LEU A 40 -0.47 -0.76 6.10
N THR A 41 -1.39 0.20 6.12
CA THR A 41 -2.24 0.51 4.97
C THR A 41 -2.56 2.00 4.93
N ALA A 42 -3.53 2.44 4.08
CA ALA A 42 -3.85 3.85 3.94
C ALA A 42 -5.09 4.18 4.76
N ALA A 43 -5.12 5.35 5.37
CA ALA A 43 -6.24 5.75 6.19
C ALA A 43 -7.51 5.93 5.37
N HIS A 44 -7.37 6.37 4.10
CA HIS A 44 -8.57 6.61 3.26
C HIS A 44 -9.36 5.35 3.01
N CYS A 45 -8.73 4.20 3.13
CA CYS A 45 -9.39 2.91 2.95
C CYS A 45 -10.63 2.74 3.86
N PHE A 46 -10.67 3.41 4.99
CA PHE A 46 -11.68 3.24 6.04
C PHE A 46 -12.77 4.30 6.02
N TYR A 47 -12.96 4.96 4.86
CA TYR A 47 -14.05 5.92 4.67
C TYR A 47 -15.37 5.13 4.79
N GLY A 48 -16.21 5.50 5.74
CA GLY A 48 -17.46 4.78 5.94
C GLY A 48 -17.36 3.46 6.72
N VAL A 49 -16.12 2.98 7.04
CA VAL A 49 -15.94 1.75 7.84
C VAL A 49 -16.19 2.13 9.31
N GLU A 50 -17.31 1.65 9.85
CA GLU A 50 -17.74 1.99 11.21
C GLU A 50 -17.27 1.02 12.28
N SER A 51 -16.73 -0.13 11.86
CA SER A 51 -16.27 -1.15 12.78
C SER A 51 -15.23 -2.05 12.14
N PRO A 52 -14.23 -2.53 12.91
CA PRO A 52 -13.26 -3.47 12.33
C PRO A 52 -13.88 -4.85 12.04
N LYS A 53 -15.10 -5.10 12.59
CA LYS A 53 -15.81 -6.39 12.47
C LYS A 53 -16.12 -6.79 11.02
N ILE A 54 -16.18 -5.80 10.12
CA ILE A 54 -16.47 -6.06 8.71
C ILE A 54 -15.24 -6.32 7.86
N LEU A 55 -14.06 -6.27 8.47
CA LEU A 55 -12.79 -6.44 7.74
C LEU A 55 -12.24 -7.83 7.86
N ARG A 56 -11.58 -8.28 6.79
CA ARG A 56 -10.89 -9.55 6.73
C ARG A 56 -9.62 -9.30 5.98
N VAL A 57 -8.51 -9.75 6.55
CA VAL A 57 -7.19 -9.64 5.94
C VAL A 57 -6.80 -11.01 5.40
N TYR A 58 -6.44 -11.05 4.11
CA TYR A 58 -5.95 -12.27 3.49
C TYR A 58 -4.48 -12.11 3.12
N SER A 59 -3.66 -13.03 3.58
CA SER A 59 -2.23 -13.08 3.30
C SER A 59 -1.94 -14.34 2.48
N GLY A 60 -0.78 -14.38 1.84
CA GLY A 60 -0.32 -15.50 1.03
C GLY A 60 -1.22 -15.82 -0.15
N ILE A 61 -1.82 -14.77 -0.72
CA ILE A 61 -2.72 -14.84 -1.86
C ILE A 61 -2.00 -14.33 -3.09
N LEU A 62 -2.14 -15.05 -4.21
CA LEU A 62 -1.67 -14.58 -5.51
C LEU A 62 -2.93 -14.16 -6.28
N ASN A 63 -3.93 -15.07 -6.31
CA ASN A 63 -5.16 -14.88 -7.06
C ASN A 63 -6.33 -14.69 -6.14
N GLN A 64 -7.18 -13.69 -6.42
CA GLN A 64 -8.37 -13.43 -5.62
C GLN A 64 -9.28 -14.63 -5.63
N SER A 65 -9.27 -15.43 -6.71
CA SER A 65 -10.09 -16.64 -6.83
C SER A 65 -9.77 -17.70 -5.73
N GLU A 66 -8.60 -17.56 -5.02
CA GLU A 66 -8.21 -18.42 -3.88
C GLU A 66 -9.11 -18.13 -2.69
N ILE A 67 -9.81 -16.98 -2.72
CA ILE A 67 -10.67 -16.54 -1.63
C ILE A 67 -12.10 -17.00 -1.84
N LYS A 68 -12.54 -17.89 -0.98
CA LYS A 68 -13.89 -18.45 -0.93
C LYS A 68 -14.33 -18.39 0.55
N GLU A 69 -15.56 -18.85 0.88
CA GLU A 69 -16.06 -18.83 2.28
C GLU A 69 -15.16 -19.67 3.20
N ASP A 70 -14.45 -20.69 2.65
CA ASP A 70 -13.59 -21.60 3.41
C ASP A 70 -12.13 -21.14 3.54
N THR A 71 -11.77 -20.02 2.91
CA THR A 71 -10.42 -19.50 2.95
C THR A 71 -10.14 -18.83 4.29
N SER A 72 -9.00 -19.19 4.91
CA SER A 72 -8.63 -18.60 6.19
C SER A 72 -8.24 -17.12 6.00
N PHE A 73 -8.52 -16.31 7.03
CA PHE A 73 -8.20 -14.91 7.04
C PHE A 73 -7.87 -14.51 8.47
N PHE A 74 -7.44 -13.26 8.67
CA PHE A 74 -7.21 -12.67 9.97
C PHE A 74 -8.27 -11.63 10.18
N GLY A 75 -8.83 -11.64 11.37
CA GLY A 75 -9.78 -10.64 11.78
C GLY A 75 -9.00 -9.45 12.27
N VAL A 76 -9.65 -8.30 12.31
CA VAL A 76 -9.04 -7.05 12.73
C VAL A 76 -9.59 -6.68 14.10
N GLN A 77 -8.69 -6.48 15.06
CA GLN A 77 -9.01 -6.10 16.43
C GLN A 77 -9.20 -4.58 16.51
N GLU A 78 -8.36 -3.84 15.83
CA GLU A 78 -8.37 -2.38 15.92
C GLU A 78 -7.89 -1.74 14.64
N ILE A 79 -8.48 -0.60 14.34
CA ILE A 79 -8.11 0.27 13.21
C ILE A 79 -7.52 1.51 13.85
N ILE A 80 -6.26 1.79 13.54
CA ILE A 80 -5.56 2.95 14.09
C ILE A 80 -5.24 3.85 12.94
N ILE A 81 -5.95 4.98 12.83
CA ILE A 81 -5.78 5.95 11.76
C ILE A 81 -4.99 7.09 12.31
N HIS A 82 -4.04 7.63 11.55
CA HIS A 82 -3.27 8.78 11.98
C HIS A 82 -4.22 9.90 12.41
N ASP A 83 -4.01 10.49 13.58
CA ASP A 83 -4.98 11.46 14.06
C ASP A 83 -4.89 12.82 13.36
N GLN A 84 -3.90 13.04 12.46
CA GLN A 84 -3.87 14.29 11.70
C GLN A 84 -4.53 14.11 10.35
N TYR A 85 -4.87 12.86 9.99
CA TYR A 85 -5.49 12.52 8.73
C TYR A 85 -6.85 13.16 8.53
N LYS A 86 -7.00 13.88 7.41
CA LYS A 86 -8.24 14.50 6.96
C LYS A 86 -8.61 13.88 5.62
N MET A 87 -7.66 13.86 4.67
CA MET A 87 -7.87 13.29 3.35
C MET A 87 -6.56 12.93 2.70
N ALA A 88 -6.55 11.93 1.79
CA ALA A 88 -5.33 11.50 1.08
C ALA A 88 -4.51 12.63 0.52
N GLU A 89 -5.15 13.59 -0.18
CA GLU A 89 -4.49 14.73 -0.85
C GLU A 89 -3.81 15.69 0.09
N SER A 90 -4.18 15.71 1.41
CA SER A 90 -3.59 16.57 2.44
C SER A 90 -2.43 15.87 3.21
N GLY A 91 -2.27 14.55 3.01
CA GLY A 91 -1.27 13.73 3.69
C GLY A 91 -1.78 13.00 4.94
N TYR A 92 -0.86 12.41 5.68
CA TYR A 92 -1.09 11.61 6.89
C TYR A 92 -1.95 10.40 6.51
N ASP A 93 -1.83 9.94 5.27
CA ASP A 93 -2.62 8.83 4.79
C ASP A 93 -1.99 7.50 5.18
N ILE A 94 -2.14 7.15 6.43
CA ILE A 94 -1.49 5.96 6.96
C ILE A 94 -2.38 5.40 8.09
N ALA A 95 -2.44 4.07 8.17
CA ALA A 95 -3.21 3.40 9.21
C ALA A 95 -2.59 2.07 9.52
N LEU A 96 -2.86 1.59 10.73
CA LEU A 96 -2.44 0.29 11.20
C LEU A 96 -3.65 -0.53 11.54
N LEU A 97 -3.60 -1.79 11.14
CA LEU A 97 -4.61 -2.75 11.53
C LEU A 97 -3.89 -3.67 12.48
N LYS A 98 -4.46 -3.81 13.69
CA LYS A 98 -3.96 -4.73 14.69
C LYS A 98 -4.82 -5.98 14.47
N LEU A 99 -4.20 -7.12 14.21
CA LEU A 99 -4.90 -8.37 13.93
C LEU A 99 -5.33 -9.10 15.19
N GLU A 100 -6.44 -9.86 15.12
CA GLU A 100 -6.97 -10.60 16.29
C GLU A 100 -6.09 -11.80 16.64
N THR A 101 -5.36 -12.32 15.65
CA THR A 101 -4.45 -13.44 15.84
C THR A 101 -3.14 -13.07 15.19
N THR A 102 -2.12 -13.84 15.50
CA THR A 102 -0.75 -13.67 15.02
C THR A 102 -0.53 -14.33 13.65
N VAL A 103 0.15 -13.61 12.77
CA VAL A 103 0.55 -14.15 11.47
C VAL A 103 1.70 -15.11 11.67
N GLY A 104 1.54 -16.34 11.17
CA GLY A 104 2.61 -17.32 11.19
C GLY A 104 3.47 -17.12 9.97
N TYR A 105 4.73 -16.65 10.14
CA TYR A 105 5.60 -16.41 8.99
C TYR A 105 6.05 -17.70 8.29
N GLY A 106 6.08 -17.65 6.97
CA GLY A 106 6.46 -18.76 6.11
C GLY A 106 6.87 -18.22 4.75
N ASP A 107 7.02 -19.11 3.77
CA ASP A 107 7.45 -18.71 2.43
C ASP A 107 6.38 -17.91 1.66
N SER A 108 5.11 -18.03 2.10
CA SER A 108 3.98 -17.31 1.46
C SER A 108 3.62 -15.99 2.11
N GLN A 109 4.05 -15.76 3.37
CA GLN A 109 3.69 -14.58 4.14
C GLN A 109 4.76 -14.25 5.16
N ARG A 110 5.31 -13.06 5.04
CA ARG A 110 6.34 -12.60 5.95
C ARG A 110 6.42 -11.06 5.93
N PRO A 111 7.05 -10.40 6.93
CA PRO A 111 7.02 -8.94 6.96
C PRO A 111 8.04 -8.24 6.09
N ILE A 112 7.76 -7.00 5.78
CA ILE A 112 8.68 -6.12 5.05
C ILE A 112 9.28 -5.16 6.08
N CYS A 113 10.56 -4.88 5.91
CA CYS A 113 11.30 -3.98 6.74
C CYS A 113 10.87 -2.57 6.49
N LEU A 114 10.82 -1.79 7.55
CA LEU A 114 10.48 -0.39 7.42
C LEU A 114 11.74 0.32 7.00
N PRO A 115 11.68 1.49 6.34
CA PRO A 115 12.93 2.17 6.01
C PRO A 115 13.64 2.63 7.27
N SER A 116 14.98 2.68 7.20
CA SER A 116 15.76 3.12 8.36
C SER A 116 15.76 4.64 8.34
N LYS A 117 15.66 5.27 9.53
CA LYS A 117 15.72 6.73 9.68
C LYS A 117 17.08 7.23 9.11
N GLY A 118 18.09 6.34 9.18
CA GLY A 118 19.43 6.54 8.63
C GLY A 118 19.46 6.47 7.12
N ASP A 119 18.44 5.84 6.51
CA ASP A 119 18.31 5.70 5.05
C ASP A 119 17.41 6.80 4.42
N ARG A 120 17.20 7.94 5.13
CA ARG A 120 16.43 9.09 4.61
C ARG A 120 17.14 9.70 3.36
N ASN A 121 18.50 9.54 3.31
CA ASN A 121 19.38 10.06 2.25
C ASN A 121 19.66 9.08 1.09
N VAL A 122 19.21 7.79 1.18
CA VAL A 122 19.45 6.81 0.09
C VAL A 122 18.57 7.09 -1.13
N ILE A 123 19.09 6.74 -2.30
CA ILE A 123 18.45 6.91 -3.60
C ILE A 123 18.03 5.51 -4.01
N TYR A 124 16.71 5.26 -4.04
CA TYR A 124 16.19 3.96 -4.38
C TYR A 124 16.01 3.90 -5.85
N THR A 125 16.61 2.88 -6.46
CA THR A 125 16.61 2.70 -7.91
C THR A 125 15.75 1.53 -8.36
N ASP A 126 15.35 0.68 -7.40
CA ASP A 126 14.59 -0.51 -7.71
C ASP A 126 13.24 -0.58 -6.90
N CYS A 127 12.23 0.15 -7.38
CA CYS A 127 10.92 0.27 -6.71
C CYS A 127 9.82 -0.33 -7.49
N TRP A 128 8.93 -1.05 -6.80
CA TRP A 128 7.80 -1.74 -7.41
C TRP A 128 6.51 -1.46 -6.66
N VAL A 129 5.45 -1.17 -7.41
CA VAL A 129 4.11 -0.97 -6.89
C VAL A 129 3.29 -2.23 -7.28
N THR A 130 2.59 -2.81 -6.31
CA THR A 130 1.86 -4.04 -6.50
C THR A 130 0.43 -3.88 -6.04
N GLY A 131 -0.47 -4.66 -6.63
CA GLY A 131 -1.86 -4.66 -6.24
C GLY A 131 -2.76 -5.41 -7.20
N TRP A 132 -4.03 -5.55 -6.81
CA TRP A 132 -5.07 -6.20 -7.59
C TRP A 132 -6.02 -5.15 -8.24
N GLY A 133 -5.60 -3.90 -8.27
CA GLY A 133 -6.40 -2.81 -8.82
C GLY A 133 -6.57 -2.83 -10.32
N TYR A 134 -7.35 -1.88 -10.81
CA TYR A 134 -7.71 -1.71 -12.21
C TYR A 134 -6.50 -1.57 -13.08
N ARG A 135 -6.63 -1.99 -14.35
CA ARG A 135 -5.58 -1.90 -15.37
C ARG A 135 -5.73 -0.61 -16.17
N LYS A 136 -6.88 0.09 -16.03
CA LYS A 136 -7.26 1.36 -16.69
C LYS A 136 -8.34 2.00 -15.85
N LEU A 137 -8.59 3.31 -15.99
CA LEU A 137 -9.54 4.00 -15.09
C LEU A 137 -10.97 3.41 -15.07
N ARG A 138 -11.44 2.85 -16.18
CA ARG A 138 -12.74 2.19 -16.22
C ARG A 138 -12.44 0.69 -16.41
N ASP A 139 -12.39 -0.07 -15.29
CA ASP A 139 -12.05 -1.50 -15.33
C ASP A 139 -12.67 -2.25 -14.14
N LYS A 140 -12.00 -3.27 -13.65
CA LYS A 140 -12.45 -4.09 -12.52
C LYS A 140 -11.24 -4.55 -11.76
N ILE A 141 -11.43 -5.03 -10.53
CA ILE A 141 -10.37 -5.62 -9.72
C ILE A 141 -9.85 -6.86 -10.45
N GLN A 142 -8.53 -7.00 -10.53
CA GLN A 142 -7.84 -8.12 -11.17
C GLN A 142 -7.71 -9.33 -10.27
N ASN A 143 -7.74 -10.51 -10.89
CA ASN A 143 -7.62 -11.77 -10.18
C ASN A 143 -6.18 -11.95 -9.67
N THR A 144 -5.17 -11.79 -10.58
CA THR A 144 -3.77 -12.01 -10.25
C THR A 144 -3.12 -10.72 -9.81
N LEU A 145 -2.34 -10.83 -8.73
CA LEU A 145 -1.55 -9.73 -8.21
C LEU A 145 -0.62 -9.22 -9.31
N GLN A 146 -0.69 -7.91 -9.60
CA GLN A 146 0.14 -7.30 -10.64
C GLN A 146 1.26 -6.53 -10.02
N LYS A 147 2.36 -6.38 -10.78
CA LYS A 147 3.52 -5.63 -10.34
C LYS A 147 3.97 -4.69 -11.44
N ALA A 148 4.58 -3.57 -11.07
CA ALA A 148 5.12 -2.62 -12.04
C ALA A 148 6.29 -1.89 -11.43
N LYS A 149 7.38 -1.81 -12.15
CA LYS A 149 8.56 -1.10 -11.68
C LYS A 149 8.38 0.38 -12.03
N ILE A 150 8.53 1.27 -11.04
CA ILE A 150 8.28 2.69 -11.23
C ILE A 150 9.45 3.46 -10.70
N PRO A 151 9.91 4.54 -11.37
CA PRO A 151 11.00 5.33 -10.78
C PRO A 151 10.46 6.39 -9.83
N LEU A 152 11.18 6.58 -8.72
CA LEU A 152 10.90 7.63 -7.76
C LEU A 152 11.17 8.99 -8.42
N VAL A 153 10.39 10.00 -8.03
CA VAL A 153 10.43 11.35 -8.55
C VAL A 153 10.69 12.26 -7.33
N THR A 154 11.46 13.32 -7.51
CA THR A 154 11.78 14.27 -6.44
C THR A 154 10.53 15.04 -6.06
N ASN A 155 10.52 15.59 -4.85
CA ASN A 155 9.42 16.39 -4.35
C ASN A 155 9.21 17.59 -5.27
N GLU A 156 10.33 18.25 -5.64
CA GLU A 156 10.34 19.39 -6.55
C GLU A 156 9.62 19.10 -7.86
N GLU A 157 9.97 17.95 -8.50
CA GLU A 157 9.37 17.53 -9.76
C GLU A 157 7.89 17.20 -9.58
N CYS A 158 7.57 16.47 -8.53
CA CYS A 158 6.20 16.10 -8.26
C CYS A 158 5.31 17.31 -7.99
N GLN A 159 5.83 18.32 -7.28
CA GLN A 159 5.11 19.56 -7.03
C GLN A 159 4.79 20.29 -8.34
N LYS A 160 5.74 20.31 -9.31
CA LYS A 160 5.52 20.89 -10.66
C LYS A 160 4.33 20.21 -11.37
N ARG A 161 4.14 18.89 -11.12
CA ARG A 161 3.10 18.12 -11.80
C ARG A 161 1.73 18.22 -11.14
N TYR A 162 1.70 18.70 -9.88
CA TYR A 162 0.48 18.82 -9.10
C TYR A 162 0.25 20.23 -8.69
N ARG A 163 0.07 21.10 -9.71
CA ARG A 163 -0.24 22.50 -9.46
C ARG A 163 -1.58 22.49 -8.72
N GLY A 164 -1.73 23.37 -7.74
CA GLY A 164 -2.96 23.44 -6.98
C GLY A 164 -2.97 22.54 -5.78
N HIS A 165 -1.93 21.66 -5.62
CA HIS A 165 -1.75 20.78 -4.46
C HIS A 165 -0.52 21.18 -3.71
N LYS A 166 -0.38 20.70 -2.48
CA LYS A 166 0.85 20.91 -1.73
C LYS A 166 1.45 19.52 -1.55
N ILE A 167 2.54 19.25 -2.26
CA ILE A 167 3.23 17.95 -2.18
C ILE A 167 4.28 18.11 -1.11
N THR A 168 4.02 17.52 0.05
CA THR A 168 4.88 17.64 1.23
C THR A 168 5.98 16.62 1.24
N HIS A 169 6.95 16.78 2.14
CA HIS A 169 8.02 15.81 2.31
C HIS A 169 7.55 14.53 2.98
N LYS A 170 6.29 14.53 3.50
CA LYS A 170 5.62 13.35 4.04
C LYS A 170 4.96 12.51 2.90
N MET A 171 5.13 12.95 1.65
CA MET A 171 4.68 12.29 0.43
C MET A 171 5.87 11.95 -0.41
N ILE A 172 5.80 10.87 -1.17
CA ILE A 172 6.81 10.44 -2.10
C ILE A 172 6.10 10.07 -3.42
N CYS A 173 6.59 10.60 -4.54
CA CYS A 173 5.97 10.35 -5.84
C CYS A 173 6.78 9.41 -6.67
N ALA A 174 6.09 8.74 -7.59
CA ALA A 174 6.70 7.77 -8.48
C ALA A 174 5.93 7.69 -9.76
N GLY A 175 6.66 7.61 -10.86
CA GLY A 175 6.06 7.50 -12.19
C GLY A 175 7.00 7.96 -13.26
N TYR A 176 6.71 7.53 -14.49
CA TYR A 176 7.41 7.89 -15.72
C TYR A 176 6.80 9.17 -16.27
N ARG A 177 7.66 10.09 -16.76
CA ARG A 177 7.19 11.35 -17.35
C ARG A 177 6.18 11.07 -18.49
N GLU A 178 6.37 9.97 -19.26
CA GLU A 178 5.45 9.58 -20.34
C GLU A 178 4.20 8.83 -19.88
N GLY A 179 4.12 8.51 -18.59
CA GLY A 179 3.02 7.72 -18.03
C GLY A 179 3.17 6.26 -18.41
N GLY A 180 2.06 5.53 -18.37
CA GLY A 180 2.01 4.13 -18.77
C GLY A 180 2.01 3.07 -17.69
N LYS A 181 2.72 3.31 -16.55
CA LYS A 181 2.81 2.36 -15.42
C LYS A 181 2.53 3.13 -14.14
N ASP A 182 1.63 2.60 -13.30
CA ASP A 182 1.20 3.30 -12.08
C ASP A 182 0.23 2.45 -11.31
N ALA A 183 -0.13 2.92 -10.13
CA ALA A 183 -1.21 2.34 -9.36
C ALA A 183 -2.54 2.85 -9.97
N CYS A 184 -3.63 2.19 -9.65
CA CYS A 184 -4.96 2.57 -10.11
C CYS A 184 -6.00 2.14 -9.06
N LYS A 185 -7.31 2.35 -9.32
CA LYS A 185 -8.37 2.01 -8.36
C LYS A 185 -8.25 0.58 -7.83
N GLY A 186 -8.16 0.45 -6.51
CA GLY A 186 -8.06 -0.85 -5.85
C GLY A 186 -6.65 -1.19 -5.38
N ASP A 187 -5.67 -0.36 -5.80
CA ASP A 187 -4.28 -0.55 -5.39
C ASP A 187 -3.91 0.15 -4.10
N SER A 188 -4.73 1.17 -3.71
CA SER A 188 -4.41 2.00 -2.55
C SER A 188 -4.29 1.19 -1.26
N GLY A 189 -3.38 1.65 -0.40
CA GLY A 189 -3.08 1.00 0.86
C GLY A 189 -1.93 0.01 0.74
N GLY A 190 -1.71 -0.48 -0.48
CA GLY A 190 -0.64 -1.43 -0.76
C GLY A 190 0.72 -0.80 -0.71
N PRO A 191 1.75 -1.63 -0.84
CA PRO A 191 3.13 -1.14 -0.78
C PRO A 191 3.74 -0.60 -2.08
N LEU A 192 4.73 0.29 -1.90
CA LEU A 192 5.70 0.74 -2.86
C LEU A 192 7.00 0.19 -2.24
N SER A 193 7.43 -0.97 -2.69
CA SER A 193 8.57 -1.75 -2.15
C SER A 193 9.83 -1.46 -2.96
N CYS A 194 10.91 -1.07 -2.28
CA CYS A 194 12.18 -0.79 -2.92
C CYS A 194 13.25 -1.71 -2.37
N LYS A 195 14.07 -2.28 -3.25
CA LYS A 195 15.18 -3.17 -2.88
C LYS A 195 16.48 -2.37 -2.77
N HIS A 196 17.15 -2.43 -1.61
CA HIS A 196 18.40 -1.72 -1.36
C HIS A 196 19.31 -2.60 -0.55
N ASN A 197 20.50 -2.89 -1.10
CA ASN A 197 21.52 -3.78 -0.50
C ASN A 197 20.90 -5.14 -0.24
N GLU A 198 20.18 -5.65 -1.27
CA GLU A 198 19.50 -6.95 -1.30
C GLU A 198 18.35 -7.12 -0.27
N VAL A 199 17.90 -6.03 0.38
CA VAL A 199 16.80 -6.07 1.33
C VAL A 199 15.65 -5.20 0.82
N TRP A 200 14.41 -5.71 0.92
CA TRP A 200 13.23 -4.94 0.53
C TRP A 200 12.76 -4.06 1.68
N HIS A 201 12.44 -2.81 1.35
CA HIS A 201 11.96 -1.82 2.31
C HIS A 201 10.65 -1.23 1.85
N LEU A 202 9.77 -0.94 2.81
CA LEU A 202 8.49 -0.36 2.53
C LEU A 202 8.66 1.12 2.47
N VAL A 203 8.89 1.64 1.26
CA VAL A 203 9.16 3.07 1.06
C VAL A 203 7.89 3.92 1.00
N GLY A 204 6.85 3.41 0.38
CA GLY A 204 5.58 4.12 0.28
C GLY A 204 4.35 3.26 0.48
N ILE A 205 3.20 3.94 0.66
CA ILE A 205 1.88 3.36 0.73
C ILE A 205 1.10 4.05 -0.39
N THR A 206 0.56 3.27 -1.33
CA THR A 206 -0.25 3.81 -2.43
C THR A 206 -1.38 4.69 -1.90
N SER A 207 -1.42 5.94 -2.33
CA SER A 207 -2.35 6.93 -1.81
C SER A 207 -3.23 7.57 -2.88
N TRP A 208 -2.67 8.41 -3.73
CA TRP A 208 -3.54 9.10 -4.71
C TRP A 208 -2.79 9.55 -5.98
N GLY A 209 -3.54 10.02 -6.95
CA GLY A 209 -3.01 10.61 -8.18
C GLY A 209 -4.14 11.19 -9.00
N GLU A 210 -3.82 11.98 -10.06
CA GLU A 210 -4.86 12.50 -10.95
C GLU A 210 -4.95 11.51 -12.11
N GLY A 211 -5.96 10.64 -12.07
CA GLY A 211 -6.12 9.54 -13.02
C GLY A 211 -5.08 8.46 -12.78
N CYS A 212 -5.02 7.42 -13.65
CA CYS A 212 -4.03 6.33 -13.57
C CYS A 212 -3.02 6.42 -14.70
N ALA A 213 -1.75 6.40 -14.36
CA ALA A 213 -0.61 6.33 -15.27
C ALA A 213 -0.56 7.43 -16.35
N GLN A 214 -1.16 8.59 -16.10
CA GLN A 214 -1.14 9.65 -17.11
C GLN A 214 0.24 10.29 -17.25
N ARG A 215 0.52 10.80 -18.45
CA ARG A 215 1.74 11.54 -18.77
C ARG A 215 1.84 12.72 -17.77
N GLU A 216 3.03 12.90 -17.15
CA GLU A 216 3.30 14.00 -16.24
C GLU A 216 2.33 14.09 -15.01
N ARG A 217 1.84 12.92 -14.54
CA ARG A 217 1.00 12.80 -13.36
C ARG A 217 1.50 11.62 -12.53
N PRO A 218 2.61 11.78 -11.76
CA PRO A 218 3.12 10.62 -10.99
C PRO A 218 2.16 10.23 -9.87
N GLY A 219 2.24 8.98 -9.45
CA GLY A 219 1.44 8.49 -8.34
C GLY A 219 2.03 9.08 -7.07
N VAL A 220 1.17 9.41 -6.08
CA VAL A 220 1.54 9.97 -4.80
C VAL A 220 1.33 8.93 -3.70
N TYR A 221 2.40 8.71 -2.93
CA TYR A 221 2.48 7.70 -1.88
C TYR A 221 2.79 8.31 -0.53
N THR A 222 2.30 7.67 0.56
CA THR A 222 2.70 8.13 1.89
C THR A 222 4.17 7.78 2.05
N ASN A 223 5.02 8.77 2.44
CA ASN A 223 6.48 8.54 2.60
C ASN A 223 6.76 7.88 3.92
N VAL A 224 6.81 6.53 3.94
CA VAL A 224 6.86 5.73 5.13
C VAL A 224 8.02 6.12 6.05
N VAL A 225 9.20 6.43 5.52
CA VAL A 225 10.33 6.83 6.38
C VAL A 225 9.95 7.93 7.38
N GLU A 226 9.07 8.85 6.97
CA GLU A 226 8.59 9.97 7.79
C GLU A 226 7.62 9.56 8.91
N TYR A 227 7.21 8.26 8.92
CA TYR A 227 6.25 7.74 9.87
C TYR A 227 6.75 6.59 10.72
N VAL A 228 8.05 6.27 10.66
CA VAL A 228 8.61 5.19 11.48
C VAL A 228 8.38 5.43 12.98
N ASP A 229 8.58 6.64 13.44
CA ASP A 229 8.32 6.96 14.87
C ASP A 229 6.86 6.77 15.25
N TRP A 230 5.92 7.22 14.39
CA TRP A 230 4.50 7.04 14.63
C TRP A 230 4.16 5.56 14.64
N ILE A 231 4.75 4.74 13.72
CA ILE A 231 4.50 3.31 13.65
C ILE A 231 5.00 2.65 14.93
N LEU A 232 6.21 2.99 15.36
CA LEU A 232 6.74 2.44 16.60
C LEU A 232 5.93 2.87 17.80
N GLU A 233 5.44 4.13 17.81
CA GLU A 233 4.57 4.61 18.89
C GLU A 233 3.35 3.72 19.03
N LYS A 234 2.69 3.41 17.92
CA LYS A 234 1.47 2.63 17.96
C LYS A 234 1.67 1.16 18.15
N THR A 235 2.73 0.56 17.57
CA THR A 235 2.98 -0.88 17.69
C THR A 235 3.74 -1.30 18.97
N GLN A 236 4.58 -0.39 19.53
CA GLN A 236 5.41 -0.64 20.71
C GLN A 236 4.88 0.04 21.99
N ALA A 237 3.60 0.40 22.03
CA ALA A 237 2.98 1.01 23.20
C ALA A 237 3.11 0.08 24.42
N VAL A 238 3.47 0.63 25.60
CA VAL A 238 3.65 -0.19 26.82
C VAL A 238 2.31 -0.71 27.37
N14 BUV B . -6.80 5.80 -9.26
C18 BUV B . -9.26 3.71 -3.90
C15 BUV B . -7.12 4.13 -5.06
C19 BUV B . -10.23 4.63 -3.10
C20 BUV B . -9.45 5.95 -3.02
C21 BUV B . -8.61 6.00 -4.26
C22 BUV B . -10.07 2.98 -4.98
C23 BUV B . -10.83 4.13 -1.80
C24 BUV B . -10.59 2.86 -1.32
C11 BUV B . -6.38 7.91 -9.58
C34 BUV B . -13.07 -1.13 -6.28
C27 BUV B . -12.35 4.51 0.02
C33 BUV B . -12.98 0.14 -6.87
CL1 BUV B . -0.60 6.14 -6.43
C2 BUV B . -3.43 6.92 -9.14
C3 BUV B . -2.21 6.82 -8.50
C4 BUV B . -2.15 6.27 -7.23
C5 BUV B . -3.28 5.80 -6.60
C6 BUV B . -4.52 5.85 -7.26
C7 BUV B . -4.60 6.47 -8.52
N8 BUV B . -5.85 6.76 -9.13
C9 BUV B . -5.61 5.04 -6.71
C10 BUV B . -6.12 5.11 -5.51
N12 BUV B . -7.61 7.71 -9.95
N13 BUV B . -7.85 6.38 -9.75
O16 BUV B . -6.98 2.92 -5.25
N17 BUV B . -8.25 4.59 -4.46
C25 BUV B . -11.23 2.41 -0.18
C26 BUV B . -12.11 3.23 0.49
C28 BUV B . -11.70 4.96 -1.12
O29 BUV B . -10.46 3.57 -5.98
N30 BUV B . -10.37 1.69 -4.67
C31 BUV B . -11.29 0.79 -5.28
C32 BUV B . -12.10 1.09 -6.37
C35 BUV B . -12.24 -1.41 -5.19
C36 BUV B . -11.37 -0.46 -4.70
C37 BUV B . -14.03 -2.16 -6.78
O38 BUV B . -14.20 -3.24 -6.19
O39 BUV B . -14.72 -1.82 -7.84
H46 BUV B . -8.73 3.00 -3.27
H47 BUV B . -11.10 4.83 -3.73
H48 BUV B . -10.15 6.79 -2.99
H49 BUV B . -8.86 6.06 -2.11
H51 BUV B . -7.75 6.65 -4.13
H50 BUV B . -9.16 6.40 -5.11
H52 BUV B . -9.89 2.16 -1.79
H45 BUV B . -5.86 8.86 -9.67
H55 BUV B . -13.04 5.17 0.55
H59 BUV B . -13.59 0.42 -7.73
H40 BUV B . -3.42 7.32 -10.15
H41 BUV B . -1.29 7.17 -8.98
H42 BUV B . -3.23 5.39 -5.59
H43 BUV B . -5.97 4.29 -7.40
H44 BUV B . -5.80 5.86 -4.79
H53 BUV B . -11.00 1.42 0.20
H54 BUV B . -12.64 2.87 1.36
H56 BUV B . -11.91 5.98 -1.44
H57 BUV B . -9.85 1.27 -3.91
H58 BUV B . -12.10 2.05 -6.89
H60 BUV B . -12.28 -2.39 -4.72
H61 BUV B . -10.75 -0.75 -3.85
H62 BUV B . -15.34 -2.54 -8.13
S SO4 C . 9.10 20.82 -17.64
O1 SO4 C . 9.07 22.29 -17.48
O2 SO4 C . 9.15 20.47 -19.04
O3 SO4 C . 10.25 20.24 -16.96
O4 SO4 C . 7.87 20.28 -17.13
C1 EDO D . 6.58 -16.01 13.67
O1 EDO D . 6.32 -16.80 12.53
C2 EDO D . 5.75 -14.72 13.72
O2 EDO D . 4.44 -15.01 14.18
C1 EDO E . 6.33 20.29 3.74
O1 EDO E . 7.55 19.78 3.20
C2 EDO E . 6.00 19.64 5.12
O2 EDO E . 6.80 18.48 5.38
C1 EDO F . -15.03 -13.33 -1.44
O1 EDO F . -15.03 -12.73 -2.73
C2 EDO F . -15.93 -14.58 -1.45
O2 EDO F . -16.08 -15.12 -0.13
#